data_6EGZ
#
_entry.id   6EGZ
#
_cell.length_a   147.961
_cell.length_b   147.961
_cell.length_c   147.961
_cell.angle_alpha   90.000
_cell.angle_beta   90.000
_cell.angle_gamma   90.000
#
_symmetry.space_group_name_H-M   'I 41 3 2'
#
loop_
_entity.id
_entity.type
_entity.pdbx_description
1 polymer 'Cytochrome c iso-1'
2 non-polymer 'HEME C'
3 non-polymer 'di-PEGylated sulfonatocalix[4]arene'
4 non-polymer 'SULFATE ION'
5 non-polymer 'SODIUM ION'
6 water water
#
_entity_poly.entity_id   1
_entity_poly.type   'polypeptide(L)'
_entity_poly.pdbx_seq_one_letter_code
;AEFKAGSAKKGATLFKTRCLQCHTVEKGGPHKVGPNLHGIFGRHSGQAEGYSYTDANIKKNVLWDENNMSEYLTNPKKYI
PGTKMAFGGLKKEKDRNDLITYLKKATE
;
_entity_poly.pdbx_strand_id   A,B
#
# COMPACT_ATOMS: atom_id res chain seq x y z
N ALA A 1 -19.22 -17.65 -4.45
CA ALA A 1 -19.24 -16.26 -4.98
C ALA A 1 -19.28 -16.22 -6.50
N GLU A 2 -19.74 -15.09 -7.03
CA GLU A 2 -19.86 -14.85 -8.47
C GLU A 2 -19.19 -13.53 -8.78
N PHE A 3 -17.88 -13.57 -9.01
CA PHE A 3 -17.13 -12.40 -9.44
C PHE A 3 -17.76 -11.76 -10.70
N LYS A 4 -17.73 -10.42 -10.74
CA LYS A 4 -18.06 -9.65 -11.94
C LYS A 4 -17.05 -8.53 -12.04
N ALA A 5 -16.58 -8.28 -13.27
CA ALA A 5 -15.59 -7.24 -13.51
C ALA A 5 -16.06 -5.87 -13.01
N GLY A 6 -15.14 -5.12 -12.41
CA GLY A 6 -15.43 -3.81 -11.86
C GLY A 6 -14.33 -2.82 -12.21
N SER A 7 -13.97 -1.96 -11.25
CA SER A 7 -13.00 -0.91 -11.46
C SER A 7 -11.63 -1.30 -10.90
N ALA A 8 -10.65 -1.44 -11.79
CA ALA A 8 -9.26 -1.73 -11.43
C ALA A 8 -8.61 -0.60 -10.64
N LYS A 9 -8.96 0.64 -10.99
CA LYS A 9 -8.45 1.83 -10.32
C LYS A 9 -8.94 1.90 -8.87
N LYS A 10 -10.23 1.68 -8.64
CA LYS A 10 -10.78 1.58 -7.28
C LYS A 10 -10.18 0.39 -6.52
N GLY A 11 -9.96 -0.70 -7.24
CA GLY A 11 -9.29 -1.88 -6.72
C GLY A 11 -7.87 -1.63 -6.29
N ALA A 12 -7.14 -0.81 -7.05
CA ALA A 12 -5.78 -0.43 -6.68
C ALA A 12 -5.75 0.31 -5.36
N THR A 13 -6.65 1.29 -5.19
CA THR A 13 -6.75 2.05 -3.93
C THR A 13 -7.18 1.14 -2.77
N LEU A 14 -8.10 0.21 -3.03
CA LEU A 14 -8.53 -0.73 -2.01
C LEU A 14 -7.34 -1.59 -1.59
N PHE A 15 -6.64 -2.14 -2.58
CA PHE A 15 -5.49 -3.00 -2.31
C PHE A 15 -4.43 -2.25 -1.51
N LYS A 16 -4.12 -1.05 -1.95
CA LYS A 16 -3.05 -0.29 -1.34
C LYS A 16 -3.36 0.17 0.08
N THR A 17 -4.63 0.36 0.42
CA THR A 17 -5.01 0.77 1.78
C THR A 17 -5.35 -0.39 2.71
N ARG A 18 -5.73 -1.55 2.15
CA ARG A 18 -6.17 -2.69 2.96
C ARG A 18 -5.22 -3.90 2.96
N CYS A 19 -4.40 -4.05 1.92
CA CYS A 19 -3.55 -5.24 1.74
C CYS A 19 -2.05 -4.98 1.73
N LEU A 20 -1.64 -3.88 1.13
CA LEU A 20 -0.23 -3.54 0.90
C LEU A 20 0.64 -3.61 2.15
N GLN A 21 0.05 -3.33 3.30
CA GLN A 21 0.77 -3.42 4.57
C GLN A 21 1.41 -4.81 4.78
N CYS A 22 0.71 -5.85 4.32
CA CYS A 22 1.16 -7.24 4.45
C CYS A 22 1.59 -7.93 3.13
N HIS A 23 1.26 -7.37 1.96
CA HIS A 23 1.47 -8.02 0.65
C HIS A 23 2.03 -7.10 -0.41
N THR A 24 2.90 -7.65 -1.27
CA THR A 24 3.23 -7.04 -2.57
C THR A 24 2.61 -7.84 -3.71
N VAL A 25 2.50 -7.22 -4.89
CA VAL A 25 1.91 -7.89 -6.06
C VAL A 25 2.83 -8.07 -7.27
N GLU A 26 3.82 -7.20 -7.42
CA GLU A 26 4.69 -7.21 -8.60
C GLU A 26 5.58 -8.47 -8.64
N LYS A 27 5.98 -8.87 -9.84
CA LYS A 27 6.93 -9.97 -10.00
C LYS A 27 8.25 -9.56 -9.31
N GLY A 28 8.69 -10.40 -8.39
CA GLY A 28 9.89 -10.15 -7.63
C GLY A 28 9.70 -9.25 -6.44
N GLY A 29 8.47 -8.84 -6.14
CA GLY A 29 8.18 -8.09 -4.92
C GLY A 29 8.39 -8.96 -3.68
N PRO A 30 8.77 -8.33 -2.54
CA PRO A 30 9.14 -9.13 -1.39
C PRO A 30 7.95 -9.75 -0.66
N HIS A 31 8.18 -10.93 -0.10
CA HIS A 31 7.35 -11.44 0.95
C HIS A 31 7.47 -10.46 2.12
N LYS A 32 6.35 -10.19 2.77
CA LYS A 32 6.32 -9.35 3.96
C LYS A 32 5.68 -10.21 5.08
N VAL A 33 4.64 -9.70 5.74
CA VAL A 33 3.89 -10.49 6.71
C VAL A 33 3.21 -11.62 5.95
N GLY A 34 2.59 -11.28 4.83
CA GLY A 34 2.01 -12.24 3.89
C GLY A 34 2.88 -12.45 2.66
N PRO A 35 2.58 -13.48 1.86
CA PRO A 35 3.38 -13.72 0.67
C PRO A 35 3.12 -12.69 -0.44
N ASN A 36 4.14 -12.41 -1.25
CA ASN A 36 3.96 -11.74 -2.53
C ASN A 36 2.93 -12.54 -3.34
N LEU A 37 2.07 -11.84 -4.06
CA LEU A 37 0.91 -12.45 -4.71
C LEU A 37 1.04 -12.53 -6.23
N HIS A 38 2.23 -12.32 -6.77
CA HIS A 38 2.38 -12.46 -8.21
C HIS A 38 2.12 -13.92 -8.61
N GLY A 39 1.35 -14.10 -9.67
CA GLY A 39 0.96 -15.43 -10.17
C GLY A 39 -0.10 -16.19 -9.38
N ILE A 40 -0.68 -15.54 -8.37
CA ILE A 40 -1.64 -16.20 -7.46
C ILE A 40 -2.80 -16.92 -8.16
N PHE A 41 -3.36 -16.32 -9.20
CA PHE A 41 -4.44 -16.93 -9.97
C PHE A 41 -3.89 -18.05 -10.84
N GLY A 42 -4.45 -19.25 -10.72
CA GLY A 42 -3.91 -20.44 -11.40
C GLY A 42 -2.74 -21.09 -10.69
N ARG A 43 -2.54 -20.74 -9.42
CA ARG A 43 -1.65 -21.44 -8.52
C ARG A 43 -2.48 -21.93 -7.32
N HIS A 44 -2.05 -23.05 -6.75
CA HIS A 44 -2.64 -23.57 -5.53
C HIS A 44 -2.17 -22.74 -4.33
N SER A 45 -3.04 -22.61 -3.33
CA SER A 45 -2.69 -21.93 -2.08
C SER A 45 -1.49 -22.58 -1.43
N GLY A 46 -0.69 -21.75 -0.76
CA GLY A 46 0.44 -22.27 -0.01
C GLY A 46 1.65 -22.69 -0.80
N GLN A 47 1.79 -22.22 -2.03
CA GLN A 47 2.87 -22.69 -2.92
C GLN A 47 3.86 -21.63 -3.38
N ALA A 48 3.72 -20.39 -2.93
CA ALA A 48 4.73 -19.37 -3.21
C ALA A 48 6.00 -19.76 -2.46
N GLU A 49 7.11 -19.88 -3.20
CA GLU A 49 8.35 -20.32 -2.61
C GLU A 49 8.91 -19.21 -1.71
N GLY A 50 9.56 -19.65 -0.65
CA GLY A 50 10.24 -18.75 0.26
C GLY A 50 9.36 -18.15 1.34
N TYR A 51 8.09 -18.57 1.41
CA TYR A 51 7.16 -18.05 2.38
C TYR A 51 6.70 -19.17 3.30
N SER A 52 6.73 -18.90 4.60
CA SER A 52 6.37 -19.89 5.62
C SER A 52 4.87 -19.81 5.95
N TYR A 53 4.11 -20.69 5.32
CA TYR A 53 2.66 -20.74 5.45
C TYR A 53 2.23 -21.56 6.65
N THR A 54 1.01 -21.31 7.12
CA THR A 54 0.36 -22.24 8.04
C THR A 54 0.06 -23.56 7.31
N ASP A 55 0.10 -24.64 8.07
CA ASP A 55 -0.46 -25.91 7.60
C ASP A 55 -1.86 -25.75 7.03
N ALA A 56 -2.71 -24.96 7.68
CA ALA A 56 -4.09 -24.76 7.22
C ALA A 56 -4.13 -24.22 5.80
N ASN A 57 -3.33 -23.20 5.50
CA ASN A 57 -3.32 -22.66 4.14
C ASN A 57 -2.79 -23.69 3.10
N ILE A 58 -1.77 -24.46 3.47
CA ILE A 58 -1.23 -25.50 2.58
C ILE A 58 -2.28 -26.60 2.33
N LYS A 59 -2.87 -27.13 3.40
CA LYS A 59 -3.85 -28.22 3.30
C LYS A 59 -5.11 -27.84 2.55
N LYS A 60 -5.51 -26.58 2.65
CA LYS A 60 -6.63 -26.07 1.85
C LYS A 60 -6.44 -26.39 0.35
N ASN A 61 -5.22 -26.19 -0.15
CA ASN A 61 -4.83 -26.62 -1.49
C ASN A 61 -5.85 -26.21 -2.52
N VAL A 62 -6.18 -24.93 -2.51
CA VAL A 62 -7.20 -24.39 -3.40
C VAL A 62 -6.51 -23.75 -4.58
N LEU A 63 -7.02 -24.08 -5.76
CA LEU A 63 -6.60 -23.44 -6.98
C LEU A 63 -7.30 -22.06 -7.03
N TRP A 64 -6.55 -21.02 -6.71
CA TRP A 64 -7.09 -19.66 -6.68
C TRP A 64 -7.66 -19.22 -8.03
N ASP A 65 -8.90 -18.78 -8.02
CA ASP A 65 -9.55 -18.14 -9.15
C ASP A 65 -10.36 -16.95 -8.62
N GLU A 66 -10.97 -16.23 -9.54
CA GLU A 66 -11.75 -15.02 -9.25
CA GLU A 66 -11.75 -15.03 -9.26
C GLU A 66 -12.88 -15.25 -8.23
N ASN A 67 -13.50 -16.42 -8.29
CA ASN A 67 -14.67 -16.70 -7.49
C ASN A 67 -14.31 -17.14 -6.07
N ASN A 68 -13.40 -18.09 -5.92
CA ASN A 68 -13.01 -18.51 -4.56
C ASN A 68 -12.19 -17.41 -3.86
N MET A 69 -11.58 -16.50 -4.63
CA MET A 69 -10.91 -15.35 -4.05
C MET A 69 -11.93 -14.41 -3.38
N SER A 70 -13.04 -14.18 -4.06
CA SER A 70 -14.08 -13.31 -3.53
C SER A 70 -14.63 -13.89 -2.24
N GLU A 71 -14.93 -15.18 -2.24
CA GLU A 71 -15.34 -15.87 -1.03
C GLU A 71 -14.30 -15.73 0.10
N TYR A 72 -13.04 -16.02 -0.21
CA TYR A 72 -11.95 -15.93 0.78
C TYR A 72 -11.90 -14.55 1.41
N LEU A 73 -11.88 -13.53 0.57
CA LEU A 73 -11.71 -12.15 1.03
C LEU A 73 -12.92 -11.64 1.81
N THR A 74 -14.08 -12.27 1.61
CA THR A 74 -15.26 -11.95 2.43
C THR A 74 -14.97 -12.23 3.90
N ASN A 75 -14.31 -13.37 4.19
CA ASN A 75 -14.04 -13.79 5.56
C ASN A 75 -12.95 -14.84 5.49
N PRO A 76 -11.67 -14.41 5.50
CA PRO A 76 -10.53 -15.30 5.31
C PRO A 76 -10.50 -16.50 6.24
N LYS A 77 -10.69 -16.25 7.53
CA LYS A 77 -10.64 -17.28 8.58
C LYS A 77 -11.79 -18.28 8.49
N LYS A 78 -12.90 -17.88 7.87
CA LYS A 78 -14.01 -18.80 7.65
C LYS A 78 -13.74 -19.77 6.48
N TYR A 79 -13.14 -19.24 5.41
CA TYR A 79 -12.79 -20.05 4.25
C TYR A 79 -11.57 -20.95 4.52
N ILE A 80 -10.60 -20.46 5.30
CA ILE A 80 -9.42 -21.24 5.67
C ILE A 80 -9.22 -21.15 7.20
N PRO A 81 -9.97 -21.98 7.96
CA PRO A 81 -9.79 -21.98 9.41
C PRO A 81 -8.35 -22.27 9.82
N GLY A 82 -7.79 -21.46 10.70
CA GLY A 82 -6.41 -21.60 11.11
C GLY A 82 -5.44 -20.66 10.43
N THR A 83 -5.86 -20.00 9.34
CA THR A 83 -4.95 -19.09 8.66
C THR A 83 -4.50 -17.98 9.60
N LYS A 84 -3.26 -17.55 9.41
CA LYS A 84 -2.69 -16.48 10.20
C LYS A 84 -2.87 -15.12 9.52
N MET A 85 -3.57 -15.07 8.38
CA MET A 85 -3.94 -13.81 7.75
C MET A 85 -4.98 -13.08 8.61
N ALA A 86 -4.53 -12.10 9.39
CA ALA A 86 -5.38 -11.35 10.33
C ALA A 86 -6.06 -10.17 9.61
N PHE A 87 -7.02 -10.51 8.77
CA PHE A 87 -7.79 -9.57 8.00
C PHE A 87 -9.25 -9.96 8.23
N GLY A 88 -10.07 -9.01 8.69
CA GLY A 88 -11.45 -9.30 9.03
C GLY A 88 -12.28 -9.72 7.81
N GLY A 89 -12.02 -9.09 6.66
CA GLY A 89 -12.74 -9.36 5.43
C GLY A 89 -13.30 -8.12 4.76
N LEU A 90 -13.48 -8.20 3.44
CA LEU A 90 -14.16 -7.16 2.66
C LEU A 90 -15.60 -7.59 2.48
N LYS A 91 -16.52 -6.93 3.17
CA LYS A 91 -17.92 -7.35 3.20
C LYS A 91 -18.74 -6.91 1.99
N LYS A 92 -18.40 -5.75 1.39
CA LYS A 92 -19.12 -5.26 0.22
C LYS A 92 -18.69 -6.02 -1.04
N GLU A 93 -19.67 -6.57 -1.76
CA GLU A 93 -19.46 -7.27 -3.03
C GLU A 93 -18.72 -6.41 -4.07
N LYS A 94 -19.12 -5.14 -4.20
CA LYS A 94 -18.49 -4.22 -5.14
C LYS A 94 -17.00 -4.03 -4.85
N ASP A 95 -16.66 -3.95 -3.56
CA ASP A 95 -15.26 -3.84 -3.13
C ASP A 95 -14.43 -5.06 -3.54
N ARG A 96 -14.98 -6.24 -3.32
CA ARG A 96 -14.27 -7.47 -3.69
C ARG A 96 -14.09 -7.56 -5.19
N ASN A 97 -15.14 -7.18 -5.92
CA ASN A 97 -15.07 -7.18 -7.37
C ASN A 97 -13.99 -6.22 -7.84
N ASP A 98 -14.01 -4.98 -7.32
CA ASP A 98 -13.03 -3.97 -7.70
C ASP A 98 -11.61 -4.46 -7.40
N LEU A 99 -11.41 -4.94 -6.18
CA LEU A 99 -10.13 -5.47 -5.73
C LEU A 99 -9.63 -6.63 -6.60
N ILE A 100 -10.49 -7.61 -6.84
CA ILE A 100 -10.13 -8.76 -7.65
C ILE A 100 -9.84 -8.39 -9.11
N THR A 101 -10.59 -7.44 -9.66
CA THR A 101 -10.32 -6.92 -11.00
C THR A 101 -8.90 -6.34 -11.09
N TYR A 102 -8.52 -5.54 -10.09
CA TYR A 102 -7.16 -5.02 -9.97
C TYR A 102 -6.16 -6.16 -9.86
N LEU A 103 -6.45 -7.06 -8.95
CA LEU A 103 -5.56 -8.16 -8.60
C LEU A 103 -5.22 -9.05 -9.80
N LYS A 104 -6.21 -9.36 -10.62
N LYS A 104 -6.21 -9.36 -10.62
CA LYS A 104 -5.98 -10.14 -11.83
CA LYS A 104 -5.98 -10.14 -11.83
C LYS A 104 -4.91 -9.53 -12.75
C LYS A 104 -4.91 -9.53 -12.75
N LYS A 105 -5.01 -8.22 -12.95
CA LYS A 105 -4.08 -7.49 -13.82
C LYS A 105 -2.72 -7.29 -13.17
N ALA A 106 -2.70 -6.87 -11.91
CA ALA A 106 -1.46 -6.52 -11.20
C ALA A 106 -0.57 -7.73 -10.91
N THR A 107 -1.17 -8.89 -10.68
CA THR A 107 -0.41 -10.14 -10.48
C THR A 107 -0.17 -10.86 -11.80
N GLU A 108 -0.60 -10.25 -12.91
CA GLU A 108 -0.30 -10.62 -14.31
C GLU A 108 -0.87 -11.96 -14.71
N ALA B 1 9.64 16.55 15.90
CA ALA B 1 10.84 15.88 15.33
C ALA B 1 11.97 16.87 15.05
N GLU B 2 13.18 16.34 14.97
CA GLU B 2 14.38 17.14 14.67
C GLU B 2 15.14 16.46 13.55
N PHE B 3 14.75 16.77 12.32
CA PHE B 3 15.48 16.29 11.15
C PHE B 3 16.98 16.62 11.22
N LYS B 4 17.81 15.69 10.75
CA LYS B 4 19.24 15.90 10.54
C LYS B 4 19.61 15.24 9.21
N ALA B 5 20.43 15.92 8.44
CA ALA B 5 20.87 15.43 7.13
C ALA B 5 21.52 14.04 7.23
N GLY B 6 21.19 13.18 6.27
CA GLY B 6 21.67 11.80 6.23
C GLY B 6 22.09 11.40 4.82
N SER B 7 21.79 10.16 4.44
CA SER B 7 22.19 9.58 3.16
C SER B 7 21.03 9.63 2.15
N ALA B 8 21.21 10.41 1.09
CA ALA B 8 20.26 10.50 -0.04
C ALA B 8 20.10 9.17 -0.79
N LYS B 9 21.20 8.44 -0.91
CA LYS B 9 21.23 7.15 -1.60
C LYS B 9 20.41 6.10 -0.85
N LYS B 10 20.61 6.02 0.47
CA LYS B 10 19.79 5.15 1.31
C LYS B 10 18.32 5.60 1.29
N GLY B 11 18.11 6.91 1.27
CA GLY B 11 16.81 7.52 1.14
C GLY B 11 16.09 7.16 -0.15
N ALA B 12 16.84 7.11 -1.25
CA ALA B 12 16.26 6.71 -2.54
C ALA B 12 15.71 5.27 -2.47
N THR B 13 16.51 4.35 -1.93
CA THR B 13 16.06 2.96 -1.76
C THR B 13 14.88 2.84 -0.77
N LEU B 14 14.89 3.66 0.28
CA LEU B 14 13.78 3.70 1.22
C LEU B 14 12.53 4.19 0.51
N PHE B 15 12.65 5.27 -0.24
CA PHE B 15 11.51 5.81 -0.98
C PHE B 15 10.94 4.79 -1.94
N LYS B 16 11.82 4.16 -2.70
CA LYS B 16 11.43 3.20 -3.71
C LYS B 16 10.71 1.97 -3.15
N THR B 17 11.09 1.53 -1.95
CA THR B 17 10.50 0.35 -1.33
C THR B 17 9.32 0.64 -0.40
N ARG B 18 9.21 1.86 0.10
CA ARG B 18 8.17 2.23 1.07
C ARG B 18 7.10 3.20 0.53
N CYS B 19 7.43 4.02 -0.48
CA CYS B 19 6.53 5.10 -0.93
C CYS B 19 6.07 5.02 -2.38
N LEU B 20 6.99 4.58 -3.25
CA LEU B 20 6.78 4.60 -4.69
C LEU B 20 5.51 3.92 -5.15
N GLN B 21 5.07 2.90 -4.42
CA GLN B 21 3.82 2.20 -4.74
C GLN B 21 2.63 3.14 -4.82
N CYS B 22 2.60 4.18 -3.98
CA CYS B 22 1.52 5.17 -3.97
C CYS B 22 1.87 6.59 -4.49
N HIS B 23 3.17 6.90 -4.63
CA HIS B 23 3.64 8.27 -4.95
C HIS B 23 4.71 8.34 -6.03
N THR B 24 4.66 9.40 -6.83
CA THR B 24 5.82 9.86 -7.60
C THR B 24 6.38 11.16 -6.99
N VAL B 25 7.62 11.48 -7.32
CA VAL B 25 8.31 12.67 -6.84
C VAL B 25 8.76 13.66 -7.92
N GLU B 26 8.99 13.19 -9.14
CA GLU B 26 9.51 14.04 -10.23
C GLU B 26 8.48 15.11 -10.64
N LYS B 27 8.98 16.24 -11.14
CA LYS B 27 8.13 17.32 -11.66
C LYS B 27 7.26 16.78 -12.78
N GLY B 28 5.96 16.91 -12.61
CA GLY B 28 4.99 16.44 -13.58
C GLY B 28 4.69 14.95 -13.53
N GLY B 29 5.22 14.26 -12.52
CA GLY B 29 4.93 12.84 -12.30
C GLY B 29 3.47 12.64 -11.91
N PRO B 30 2.91 11.47 -12.23
CA PRO B 30 1.46 11.31 -12.05
C PRO B 30 1.04 11.14 -10.60
N HIS B 31 -0.15 11.64 -10.32
CA HIS B 31 -0.88 11.23 -9.15
C HIS B 31 -1.18 9.74 -9.33
N LYS B 32 -1.04 8.98 -8.25
CA LYS B 32 -1.42 7.58 -8.21
C LYS B 32 -2.46 7.45 -7.08
N VAL B 33 -2.25 6.53 -6.14
CA VAL B 33 -3.10 6.44 -4.96
C VAL B 33 -2.94 7.71 -4.15
N GLY B 34 -1.68 8.13 -3.97
CA GLY B 34 -1.36 9.42 -3.36
C GLY B 34 -0.94 10.47 -4.37
N PRO B 35 -0.89 11.74 -3.95
CA PRO B 35 -0.48 12.79 -4.89
C PRO B 35 1.01 12.76 -5.20
N ASN B 36 1.36 13.19 -6.40
CA ASN B 36 2.75 13.51 -6.73
C ASN B 36 3.29 14.51 -5.68
N LEU B 37 4.55 14.34 -5.28
CA LEU B 37 5.13 15.10 -4.18
C LEU B 37 6.16 16.13 -4.62
N HIS B 38 6.21 16.46 -5.90
CA HIS B 38 7.11 17.51 -6.33
C HIS B 38 6.65 18.84 -5.71
N GLY B 39 7.60 19.61 -5.17
CA GLY B 39 7.33 20.90 -4.53
C GLY B 39 6.70 20.86 -3.15
N ILE B 40 6.55 19.66 -2.59
CA ILE B 40 5.87 19.45 -1.31
C ILE B 40 6.42 20.32 -0.17
N PHE B 41 7.74 20.51 -0.10
CA PHE B 41 8.36 21.35 0.92
C PHE B 41 8.11 22.82 0.59
N GLY B 42 7.54 23.57 1.52
CA GLY B 42 7.13 24.95 1.27
C GLY B 42 5.78 25.09 0.58
N ARG B 43 5.00 24.01 0.58
CA ARG B 43 3.61 24.03 0.16
C ARG B 43 2.75 23.53 1.33
N HIS B 44 1.52 24.04 1.43
CA HIS B 44 0.57 23.56 2.41
C HIS B 44 -0.01 22.21 1.94
N SER B 45 -0.34 21.37 2.91
CA SER B 45 -1.01 20.10 2.62
C SER B 45 -2.32 20.32 1.86
N GLY B 46 -2.66 19.36 1.03
CA GLY B 46 -3.94 19.38 0.33
C GLY B 46 -4.04 20.35 -0.85
N GLN B 47 -2.91 20.78 -1.42
CA GLN B 47 -2.91 21.82 -2.46
C GLN B 47 -2.38 21.38 -3.85
N ALA B 48 -1.96 20.13 -4.00
CA ALA B 48 -1.56 19.63 -5.31
C ALA B 48 -2.78 19.56 -6.21
N GLU B 49 -2.69 20.21 -7.36
CA GLU B 49 -3.76 20.27 -8.34
C GLU B 49 -4.12 18.91 -8.90
N GLY B 50 -5.41 18.65 -9.06
CA GLY B 50 -5.85 17.43 -9.71
C GLY B 50 -5.88 16.20 -8.85
N TYR B 51 -5.68 16.36 -7.54
CA TYR B 51 -5.72 15.26 -6.60
C TYR B 51 -6.87 15.46 -5.62
N SER B 52 -7.65 14.39 -5.43
CA SER B 52 -8.81 14.42 -4.55
C SER B 52 -8.42 14.01 -3.12
N TYR B 53 -8.20 15.01 -2.29
CA TYR B 53 -7.74 14.83 -0.91
C TYR B 53 -8.89 14.58 0.03
N THR B 54 -8.59 13.97 1.17
CA THR B 54 -9.56 13.93 2.29
C THR B 54 -9.72 15.34 2.85
N ASP B 55 -10.91 15.63 3.36
CA ASP B 55 -11.13 16.81 4.19
C ASP B 55 -10.08 16.93 5.29
N ALA B 56 -9.73 15.83 5.94
CA ALA B 56 -8.75 15.87 7.03
C ALA B 56 -7.41 16.40 6.57
N ASN B 57 -6.91 15.95 5.41
CA ASN B 57 -5.64 16.48 4.90
C ASN B 57 -5.74 17.98 4.53
N ILE B 58 -6.85 18.41 3.95
CA ILE B 58 -7.03 19.82 3.63
C ILE B 58 -7.11 20.69 4.91
N LYS B 59 -7.93 20.28 5.87
CA LYS B 59 -8.10 21.04 7.13
C LYS B 59 -6.83 21.14 7.96
N LYS B 60 -6.00 20.09 7.91
CA LYS B 60 -4.71 20.11 8.58
C LYS B 60 -3.89 21.34 8.16
N ASN B 61 -3.90 21.66 6.88
CA ASN B 61 -3.33 22.90 6.36
C ASN B 61 -1.93 23.15 6.93
N VAL B 62 -1.08 22.15 6.79
CA VAL B 62 0.25 22.19 7.33
C VAL B 62 1.22 22.59 6.24
N LEU B 63 2.09 23.54 6.57
CA LEU B 63 3.18 23.94 5.71
C LEU B 63 4.26 22.88 5.88
N TRP B 64 4.36 21.98 4.90
CA TRP B 64 5.32 20.87 4.96
C TRP B 64 6.76 21.37 5.04
N ASP B 65 7.49 20.88 6.03
CA ASP B 65 8.91 21.11 6.16
C ASP B 65 9.56 19.79 6.62
N GLU B 66 10.88 19.80 6.75
CA GLU B 66 11.66 18.63 7.12
C GLU B 66 11.23 17.99 8.45
N ASN B 67 10.80 18.82 9.40
CA ASN B 67 10.55 18.36 10.76
C ASN B 67 9.15 17.77 10.88
N ASN B 68 8.12 18.49 10.39
CA ASN B 68 6.77 17.94 10.45
C ASN B 68 6.61 16.73 9.50
N MET B 69 7.44 16.65 8.46
CA MET B 69 7.45 15.48 7.58
C MET B 69 7.95 14.24 8.36
N SER B 70 8.98 14.40 9.16
CA SER B 70 9.53 13.30 9.94
C SER B 70 8.47 12.78 10.91
N GLU B 71 7.82 13.71 11.62
CA GLU B 71 6.71 13.35 12.49
C GLU B 71 5.61 12.60 11.73
N TYR B 72 5.16 13.17 10.61
CA TYR B 72 4.09 12.58 9.81
C TYR B 72 4.43 11.15 9.40
N LEU B 73 5.62 10.95 8.86
CA LEU B 73 6.02 9.65 8.34
C LEU B 73 6.22 8.61 9.44
N THR B 74 6.47 9.06 10.67
CA THR B 74 6.50 8.15 11.80
C THR B 74 5.16 7.41 11.95
N ASN B 75 4.04 8.15 11.80
CA ASN B 75 2.70 7.61 12.02
C ASN B 75 1.71 8.57 11.38
N PRO B 76 1.45 8.39 10.07
CA PRO B 76 0.64 9.32 9.29
C PRO B 76 -0.74 9.59 9.90
N LYS B 77 -1.45 8.53 10.26
CA LYS B 77 -2.81 8.62 10.79
C LYS B 77 -2.86 9.28 12.18
N LYS B 78 -1.76 9.26 12.91
CA LYS B 78 -1.69 9.97 14.19
C LYS B 78 -1.52 11.48 14.00
N TYR B 79 -0.68 11.87 13.04
CA TYR B 79 -0.46 13.27 12.73
C TYR B 79 -1.65 13.91 11.99
N ILE B 80 -2.32 13.15 11.11
CA ILE B 80 -3.50 13.61 10.39
C ILE B 80 -4.60 12.57 10.52
N PRO B 81 -5.33 12.59 11.65
CA PRO B 81 -6.46 11.64 11.81
C PRO B 81 -7.47 11.78 10.66
N GLY B 82 -7.83 10.67 10.04
CA GLY B 82 -8.75 10.68 8.92
C GLY B 82 -8.09 10.57 7.57
N THR B 83 -6.78 10.78 7.49
CA THR B 83 -6.08 10.64 6.22
C THR B 83 -6.30 9.25 5.64
N LYS B 84 -6.38 9.18 4.32
CA LYS B 84 -6.53 7.91 3.63
C LYS B 84 -5.18 7.33 3.20
N MET B 85 -4.06 8.01 3.55
CA MET B 85 -2.73 7.41 3.43
C MET B 85 -2.57 6.26 4.42
N ALA B 86 -2.73 5.04 3.92
CA ALA B 86 -2.59 3.82 4.72
C ALA B 86 -1.14 3.36 4.66
N PHE B 87 -0.29 4.05 5.40
CA PHE B 87 1.11 3.70 5.53
C PHE B 87 1.38 3.51 7.02
N GLY B 88 1.93 2.36 7.39
CA GLY B 88 2.14 2.00 8.80
C GLY B 88 3.09 2.96 9.51
N GLY B 89 4.12 3.44 8.81
CA GLY B 89 5.05 4.44 9.33
C GLY B 89 6.50 4.00 9.23
N LEU B 90 7.41 4.97 9.18
CA LEU B 90 8.85 4.72 9.26
C LEU B 90 9.30 4.97 10.69
N LYS B 91 9.58 3.92 11.43
CA LYS B 91 9.78 4.04 12.87
C LYS B 91 11.19 4.45 13.28
N LYS B 92 12.20 4.06 12.50
CA LYS B 92 13.59 4.42 12.81
C LYS B 92 13.88 5.87 12.38
N GLU B 93 14.40 6.67 13.31
CA GLU B 93 14.79 8.06 13.05
C GLU B 93 15.79 8.20 11.88
N LYS B 94 16.79 7.33 11.83
CA LYS B 94 17.80 7.35 10.76
C LYS B 94 17.15 7.15 9.38
N ASP B 95 16.17 6.25 9.31
CA ASP B 95 15.43 6.01 8.08
C ASP B 95 14.66 7.25 7.61
N ARG B 96 13.97 7.92 8.53
CA ARG B 96 13.25 9.14 8.19
C ARG B 96 14.20 10.22 7.73
N ASN B 97 15.33 10.34 8.41
CA ASN B 97 16.33 11.32 8.03
C ASN B 97 16.84 11.03 6.62
N ASP B 98 17.23 9.78 6.37
CA ASP B 98 17.73 9.39 5.04
C ASP B 98 16.68 9.67 3.96
N LEU B 99 15.45 9.23 4.22
CA LEU B 99 14.33 9.42 3.30
C LEU B 99 14.07 10.90 3.02
N ILE B 100 13.98 11.71 4.08
CA ILE B 100 13.73 13.14 3.94
C ILE B 100 14.88 13.85 3.22
N THR B 101 16.12 13.47 3.48
CA THR B 101 17.27 13.99 2.75
C THR B 101 17.13 13.77 1.24
N TYR B 102 16.76 12.54 0.86
CA TYR B 102 16.47 12.20 -0.54
C TYR B 102 15.33 13.06 -1.06
N LEU B 103 14.26 13.09 -0.28
CA LEU B 103 13.02 13.75 -0.66
C LEU B 103 13.20 15.23 -0.95
N LYS B 104 13.98 15.92 -0.12
CA LYS B 104 14.28 17.35 -0.36
C LYS B 104 14.90 17.59 -1.73
N LYS B 105 15.85 16.75 -2.12
CA LYS B 105 16.53 16.88 -3.42
C LYS B 105 15.64 16.44 -4.58
N ALA B 106 14.99 15.28 -4.45
CA ALA B 106 14.19 14.70 -5.53
C ALA B 106 12.94 15.50 -5.89
N THR B 107 12.33 16.15 -4.89
CA THR B 107 11.18 17.02 -5.11
C THR B 107 11.59 18.47 -5.38
N GLU B 108 12.91 18.70 -5.44
CA GLU B 108 13.59 19.93 -5.89
C GLU B 108 13.33 21.14 -5.00
#